data_6XTJ
#
_entry.id   6XTJ
#
_cell.length_a   145.172
_cell.length_b   145.172
_cell.length_c   59.633
_cell.angle_alpha   90.000
_cell.angle_beta   90.000
_cell.angle_gamma   120.000
#
_symmetry.space_group_name_H-M   'P 32 2 1'
#
loop_
_entity.id
_entity.type
_entity.pdbx_description
1 polymer 'Fermitin family homolog 2,Fermitin family homolog 2,Fermitin family homolog 2'
2 non-polymer 'CITRIC ACID'
3 water water
#
_entity_poly.entity_id   1
_entity_poly.type   'polypeptide(L)'
_entity_poly.pdbx_seq_one_letter_code
;SMPDGCYADGTWELSVHVTDLNRDVTLRVTGEVHIGGVMLKLVEKLDVKKDWSDHALWWEKKRTWLLKTHWTLDKYGIQA
DAKLQFTPQHKLLRLQLPNMKYVKVKVNFSDRVFKAVSDICKTFNIRHPEELSLLKKPRDPTKKKKKKLDDQSEDEALEL
EPGILAVSQPITSPEILAKMFKPQALLDKAKINQGWLDSSRSLMEQDVKENEALLLRFKYYSFFDLNPKYDAIRINQLYE
QAKWAILLEEIECTEEEMMMFAALQYHINKLSIMTSENHLNNSDKEVDEVDAALSDLEITLEGGKTSTILTTDITPECLV
SPRYLKKYKNKQITARILEAHQNVAQMSLIEAKMRFIQAWQSLPEFGITHFIARFQGGKKEELIGIAYNRLIRMDASTGD
AIKTWRFSNMKQWNVNWEIKMVTVEFADEVRLSFICTEVDCKVVHEFIGGYIFLSTRAKDQNESLDEEMFYKLTSGWV
;
_entity_poly.pdbx_strand_id   AAA
#
loop_
_chem_comp.id
_chem_comp.type
_chem_comp.name
_chem_comp.formula
CIT non-polymer 'CITRIC ACID' 'C6 H8 O7'
#
# COMPACT_ATOMS: atom_id res chain seq x y z
N THR A 11 -16.56 -38.64 -25.03
CA THR A 11 -16.28 -37.52 -25.99
C THR A 11 -17.22 -36.35 -25.72
N TRP A 12 -17.03 -35.67 -24.57
N TRP A 12 -17.05 -35.67 -24.57
CA TRP A 12 -17.82 -34.49 -24.16
CA TRP A 12 -17.88 -34.50 -24.19
C TRP A 12 -17.32 -33.24 -24.89
C TRP A 12 -17.31 -33.23 -24.85
N GLU A 13 -18.09 -32.16 -24.85
CA GLU A 13 -17.79 -30.90 -25.60
C GLU A 13 -17.21 -29.86 -24.64
N LEU A 14 -16.27 -29.08 -25.17
CA LEU A 14 -15.50 -28.02 -24.48
C LEU A 14 -15.65 -26.74 -25.30
N SER A 15 -16.31 -25.73 -24.74
CA SER A 15 -16.47 -24.40 -25.37
C SER A 15 -15.29 -23.51 -24.96
N VAL A 16 -14.77 -22.73 -25.91
CA VAL A 16 -13.63 -21.78 -25.70
C VAL A 16 -13.95 -20.46 -26.40
N HIS A 17 -14.11 -19.38 -25.63
CA HIS A 17 -14.23 -17.99 -26.15
C HIS A 17 -12.84 -17.34 -26.14
N VAL A 18 -12.38 -16.85 -27.29
CA VAL A 18 -11.07 -16.16 -27.46
C VAL A 18 -11.32 -14.66 -27.27
N THR A 19 -10.85 -14.11 -26.16
CA THR A 19 -11.37 -12.83 -25.62
C THR A 19 -11.00 -11.69 -26.55
N ASP A 20 -9.80 -11.72 -27.14
CA ASP A 20 -9.28 -10.56 -27.90
C ASP A 20 -9.71 -10.64 -29.37
N LEU A 21 -10.11 -11.82 -29.86
CA LEU A 21 -10.75 -12.00 -31.19
C LEU A 21 -12.28 -11.91 -31.07
N ASN A 22 -12.82 -12.12 -29.88
CA ASN A 22 -14.27 -12.36 -29.66
C ASN A 22 -14.75 -13.39 -30.69
N ARG A 23 -14.18 -14.59 -30.64
CA ARG A 23 -14.56 -15.76 -31.46
C ARG A 23 -14.69 -16.98 -30.55
N ASP A 24 -15.82 -17.68 -30.60
CA ASP A 24 -16.07 -18.94 -29.85
C ASP A 24 -15.56 -20.11 -30.68
N VAL A 25 -15.28 -21.25 -30.03
CA VAL A 25 -14.76 -22.50 -30.65
C VAL A 25 -15.19 -23.67 -29.77
N THR A 26 -15.75 -24.72 -30.37
CA THR A 26 -16.11 -25.97 -29.66
C THR A 26 -15.07 -27.03 -30.04
N LEU A 27 -14.80 -27.94 -29.12
CA LEU A 27 -13.83 -29.04 -29.28
C LEU A 27 -14.41 -30.26 -28.58
N ARG A 28 -14.37 -31.41 -29.26
CA ARG A 28 -14.73 -32.73 -28.68
C ARG A 28 -13.45 -33.23 -28.02
N VAL A 29 -13.53 -33.67 -26.76
CA VAL A 29 -12.33 -34.01 -25.92
C VAL A 29 -12.74 -35.08 -24.90
N THR A 30 -11.72 -35.69 -24.28
CA THR A 30 -11.82 -36.62 -23.13
C THR A 30 -11.19 -35.98 -21.90
N GLY A 31 -11.43 -36.54 -20.72
CA GLY A 31 -10.73 -36.21 -19.47
C GLY A 31 -9.22 -36.38 -19.58
N GLU A 32 -8.73 -37.15 -20.55
CA GLU A 32 -7.29 -37.55 -20.63
C GLU A 32 -6.56 -36.67 -21.65
N VAL A 33 -7.27 -35.76 -22.34
CA VAL A 33 -6.65 -34.75 -23.25
C VAL A 33 -5.86 -33.77 -22.37
N HIS A 34 -4.65 -33.40 -22.80
CA HIS A 34 -3.81 -32.44 -22.04
C HIS A 34 -4.18 -31.01 -22.41
N ILE A 35 -3.89 -30.11 -21.47
CA ILE A 35 -4.10 -28.66 -21.66
C ILE A 35 -3.34 -28.20 -22.91
N GLY A 36 -2.07 -28.63 -23.07
CA GLY A 36 -1.27 -28.28 -24.26
C GLY A 36 -1.97 -28.73 -25.54
N GLY A 37 -2.62 -29.89 -25.50
CA GLY A 37 -3.34 -30.46 -26.65
C GLY A 37 -4.55 -29.63 -27.00
N VAL A 38 -5.30 -29.20 -25.98
CA VAL A 38 -6.45 -28.28 -26.19
C VAL A 38 -5.91 -27.00 -26.86
N MET A 39 -4.84 -26.41 -26.33
CA MET A 39 -4.30 -25.12 -26.83
C MET A 39 -3.82 -25.28 -28.29
N LEU A 40 -3.12 -26.37 -28.60
CA LEU A 40 -2.64 -26.66 -29.99
C LEU A 40 -3.84 -26.95 -30.89
N LYS A 41 -4.76 -27.83 -30.46
CA LYS A 41 -6.01 -28.13 -31.22
C LYS A 41 -6.74 -26.82 -31.50
N LEU A 42 -6.80 -25.95 -30.49
CA LEU A 42 -7.60 -24.69 -30.52
C LEU A 42 -6.98 -23.73 -31.54
N VAL A 43 -5.64 -23.68 -31.63
CA VAL A 43 -4.90 -22.76 -32.55
C VAL A 43 -5.14 -23.20 -34.00
N GLU A 44 -5.23 -24.52 -34.24
CA GLU A 44 -5.53 -25.08 -35.59
C GLU A 44 -6.93 -24.64 -36.02
N LYS A 45 -7.96 -25.08 -35.29
CA LYS A 45 -9.40 -24.85 -35.60
C LYS A 45 -9.63 -23.38 -35.96
N LEU A 46 -8.88 -22.44 -35.37
CA LEU A 46 -9.02 -20.98 -35.64
C LEU A 46 -8.44 -20.64 -37.02
N ASP A 47 -7.38 -21.33 -37.43
CA ASP A 47 -6.72 -21.16 -38.76
C ASP A 47 -5.90 -19.87 -38.77
N VAL A 48 -6.52 -18.73 -38.42
CA VAL A 48 -5.83 -17.40 -38.34
C VAL A 48 -4.58 -17.58 -37.47
N LYS A 49 -3.43 -17.08 -37.95
CA LYS A 49 -2.12 -17.15 -37.26
C LYS A 49 -1.79 -15.76 -36.70
N LYS A 50 -1.35 -15.73 -35.44
CA LYS A 50 -0.97 -14.52 -34.67
C LYS A 50 -0.05 -14.96 -33.52
N ASP A 51 0.38 -14.02 -32.68
CA ASP A 51 1.24 -14.31 -31.51
C ASP A 51 0.35 -14.81 -30.37
N TRP A 52 0.35 -16.13 -30.13
CA TRP A 52 -0.49 -16.79 -29.09
C TRP A 52 0.27 -16.96 -27.78
N SER A 53 1.54 -16.53 -27.71
CA SER A 53 2.50 -16.94 -26.64
C SER A 53 2.00 -16.50 -25.26
N ASP A 54 1.21 -15.42 -25.18
CA ASP A 54 0.69 -14.87 -23.88
C ASP A 54 -0.69 -15.42 -23.54
N HIS A 55 -1.35 -16.16 -24.44
CA HIS A 55 -2.72 -16.67 -24.20
C HIS A 55 -2.65 -17.89 -23.29
N ALA A 56 -3.54 -17.96 -22.30
CA ALA A 56 -3.72 -19.14 -21.44
C ALA A 56 -5.21 -19.41 -21.28
N LEU A 57 -5.54 -20.65 -20.91
CA LEU A 57 -6.95 -21.05 -20.66
C LEU A 57 -7.34 -20.63 -19.24
N TRP A 58 -8.55 -20.11 -19.12
CA TRP A 58 -9.17 -19.62 -17.88
C TRP A 58 -10.55 -20.26 -17.75
N TRP A 59 -10.87 -20.79 -16.57
CA TRP A 59 -12.18 -21.39 -16.27
C TRP A 59 -12.91 -20.48 -15.27
N GLU A 60 -13.79 -19.62 -15.78
CA GLU A 60 -14.50 -18.60 -14.97
C GLU A 60 -15.32 -19.30 -13.89
N LYS A 61 -16.02 -20.38 -14.23
CA LYS A 61 -16.92 -21.08 -13.27
C LYS A 61 -16.17 -21.39 -11.97
N LYS A 62 -14.95 -21.93 -12.04
CA LYS A 62 -14.17 -22.36 -10.85
C LYS A 62 -13.03 -21.38 -10.57
N ARG A 63 -13.00 -20.25 -11.28
CA ARG A 63 -11.98 -19.19 -11.12
C ARG A 63 -10.58 -19.84 -11.12
N THR A 64 -10.26 -20.62 -12.16
CA THR A 64 -9.01 -21.41 -12.25
C THR A 64 -8.32 -21.09 -13.57
N TRP A 65 -7.05 -20.74 -13.51
CA TRP A 65 -6.17 -20.71 -14.69
C TRP A 65 -5.73 -22.15 -14.95
N LEU A 66 -5.71 -22.55 -16.22
CA LEU A 66 -5.21 -23.89 -16.60
C LEU A 66 -3.84 -23.70 -17.25
N LEU A 67 -2.81 -23.54 -16.43
CA LEU A 67 -1.47 -23.10 -16.89
C LEU A 67 -0.58 -24.30 -17.23
N LYS A 68 -0.73 -25.43 -16.56
CA LYS A 68 0.19 -26.58 -16.71
C LYS A 68 -0.18 -27.37 -17.97
N THR A 69 0.60 -27.22 -19.04
CA THR A 69 0.23 -27.77 -20.37
C THR A 69 0.25 -29.30 -20.32
N HIS A 70 1.00 -29.89 -19.39
CA HIS A 70 1.23 -31.36 -19.28
C HIS A 70 0.16 -32.01 -18.39
N TRP A 71 -0.76 -31.22 -17.81
CA TRP A 71 -1.87 -31.76 -16.99
C TRP A 71 -3.05 -32.10 -17.89
N THR A 72 -3.83 -33.11 -17.50
CA THR A 72 -5.07 -33.50 -18.19
C THR A 72 -6.20 -32.57 -17.74
N LEU A 73 -7.23 -32.46 -18.57
CA LEU A 73 -8.52 -31.82 -18.20
C LEU A 73 -9.00 -32.43 -16.89
N ASP A 74 -8.94 -33.76 -16.77
CA ASP A 74 -9.37 -34.49 -15.54
C ASP A 74 -8.60 -33.97 -14.33
N LYS A 75 -7.28 -33.76 -14.42
CA LYS A 75 -6.48 -33.33 -13.24
C LYS A 75 -6.91 -31.92 -12.82
N TYR A 76 -7.37 -31.10 -13.77
CA TYR A 76 -7.84 -29.72 -13.50
C TYR A 76 -9.34 -29.73 -13.13
N GLY A 77 -10.02 -30.87 -13.32
CA GLY A 77 -11.41 -31.09 -12.85
C GLY A 77 -12.46 -30.76 -13.88
N ILE A 78 -12.08 -30.67 -15.16
CA ILE A 78 -13.01 -30.21 -16.22
C ILE A 78 -13.80 -31.42 -16.74
N GLN A 79 -15.10 -31.22 -16.99
CA GLN A 79 -16.07 -32.24 -17.49
C GLN A 79 -17.03 -31.56 -18.48
N ALA A 80 -18.06 -32.29 -18.91
CA ALA A 80 -18.95 -31.96 -20.05
C ALA A 80 -19.34 -30.48 -20.06
N ASP A 81 -19.28 -29.87 -21.24
CA ASP A 81 -19.86 -28.54 -21.58
C ASP A 81 -19.33 -27.47 -20.61
N ALA A 82 -18.13 -27.69 -20.03
CA ALA A 82 -17.36 -26.63 -19.33
C ALA A 82 -17.05 -25.51 -20.33
N LYS A 83 -17.09 -24.26 -19.88
CA LYS A 83 -16.90 -23.07 -20.77
C LYS A 83 -15.60 -22.37 -20.35
N LEU A 84 -14.63 -22.34 -21.25
CA LEU A 84 -13.29 -21.73 -21.00
C LEU A 84 -13.14 -20.44 -21.79
N GLN A 85 -12.22 -19.59 -21.35
CA GLN A 85 -11.72 -18.45 -22.15
C GLN A 85 -10.26 -18.76 -22.50
N PHE A 86 -9.83 -18.36 -23.70
CA PHE A 86 -8.42 -18.29 -24.13
C PHE A 86 -8.09 -16.81 -24.21
N THR A 87 -7.31 -16.31 -23.26
CA THR A 87 -7.20 -14.87 -22.96
C THR A 87 -5.74 -14.54 -22.68
N PRO A 88 -5.27 -13.34 -23.04
CA PRO A 88 -3.92 -12.90 -22.65
C PRO A 88 -3.75 -12.97 -21.13
N GLN A 89 -2.63 -13.54 -20.66
CA GLN A 89 -2.30 -13.51 -19.21
C GLN A 89 -2.02 -12.06 -18.80
N HIS A 90 -1.31 -11.30 -19.61
CA HIS A 90 -0.95 -9.88 -19.31
C HIS A 90 -2.07 -8.94 -19.74
N LYS A 91 -2.51 -8.07 -18.84
CA LYS A 91 -3.62 -7.11 -19.08
C LYS A 91 -3.27 -5.77 -18.42
N LEU A 92 -3.73 -4.67 -19.02
CA LEU A 92 -3.53 -3.30 -18.49
C LEU A 92 -4.21 -3.17 -17.12
N LEU A 93 -3.51 -2.49 -16.22
CA LEU A 93 -3.96 -2.13 -14.86
C LEU A 93 -3.53 -0.67 -14.65
N ARG A 94 -4.39 0.16 -14.08
CA ARG A 94 -4.00 1.50 -13.59
C ARG A 94 -3.72 1.38 -12.09
N LEU A 95 -2.51 1.70 -11.68
CA LEU A 95 -2.15 1.65 -10.24
C LEU A 95 -2.15 3.08 -9.73
N GLN A 96 -2.90 3.36 -8.67
CA GLN A 96 -2.75 4.66 -7.99
C GLN A 96 -1.69 4.52 -6.89
N LEU A 97 -0.58 5.24 -7.03
CA LEU A 97 0.54 5.12 -6.06
C LEU A 97 0.15 5.85 -4.77
N PRO A 98 0.88 5.64 -3.66
CA PRO A 98 0.66 6.44 -2.45
C PRO A 98 0.73 7.95 -2.64
N ASN A 99 1.45 8.44 -3.65
CA ASN A 99 1.51 9.90 -3.96
C ASN A 99 0.29 10.35 -4.77
N MET A 100 -0.64 9.43 -5.07
CA MET A 100 -1.98 9.69 -5.65
C MET A 100 -1.89 9.84 -7.17
N LYS A 101 -0.72 9.62 -7.77
CA LYS A 101 -0.55 9.56 -9.24
C LYS A 101 -0.88 8.16 -9.73
N TYR A 102 -1.39 8.06 -10.96
CA TYR A 102 -1.70 6.77 -11.62
C TYR A 102 -0.58 6.40 -12.55
N VAL A 103 -0.15 5.14 -12.49
CA VAL A 103 0.84 4.59 -13.45
C VAL A 103 0.18 3.38 -14.12
N LYS A 104 0.23 3.34 -15.46
CA LYS A 104 -0.29 2.20 -16.25
C LYS A 104 0.76 1.10 -16.29
N VAL A 105 0.34 -0.12 -15.98
CA VAL A 105 1.25 -1.29 -16.03
C VAL A 105 0.49 -2.42 -16.70
N LYS A 106 1.15 -3.19 -17.53
CA LYS A 106 0.55 -4.42 -18.11
C LYS A 106 1.10 -5.59 -17.31
N VAL A 107 0.29 -6.14 -16.41
CA VAL A 107 0.80 -7.13 -15.42
CA VAL A 107 0.73 -7.11 -15.37
C VAL A 107 0.14 -8.48 -15.69
N ASN A 108 0.76 -9.52 -15.16
CA ASN A 108 0.30 -10.92 -15.36
C ASN A 108 -0.92 -11.15 -14.44
N PHE A 109 -2.09 -11.24 -15.02
CA PHE A 109 -3.36 -11.51 -14.28
C PHE A 109 -3.47 -12.97 -13.85
N SER A 110 -2.46 -13.81 -14.11
CA SER A 110 -2.41 -15.22 -13.63
C SER A 110 -1.39 -15.40 -12.50
N ASP A 111 -0.56 -14.40 -12.18
CA ASP A 111 0.42 -14.51 -11.08
C ASP A 111 -0.31 -14.33 -9.75
N ARG A 112 0.16 -14.97 -8.68
CA ARG A 112 -0.34 -14.59 -7.31
C ARG A 112 -0.10 -13.09 -7.09
N VAL A 113 -1.05 -12.42 -6.46
CA VAL A 113 -0.92 -10.96 -6.18
C VAL A 113 0.39 -10.69 -5.44
N PHE A 114 0.82 -11.53 -4.52
CA PHE A 114 2.11 -11.31 -3.82
C PHE A 114 3.25 -11.13 -4.81
N LYS A 115 3.26 -11.97 -5.84
CA LYS A 115 4.32 -11.96 -6.89
C LYS A 115 4.15 -10.71 -7.76
N ALA A 116 2.93 -10.37 -8.16
CA ALA A 116 2.65 -9.15 -8.96
C ALA A 116 3.16 -7.92 -8.21
N VAL A 117 2.91 -7.86 -6.91
CA VAL A 117 3.33 -6.71 -6.08
C VAL A 117 4.86 -6.69 -6.00
N SER A 118 5.49 -7.86 -5.87
CA SER A 118 6.97 -7.99 -5.85
C SER A 118 7.54 -7.45 -7.17
N ASP A 119 6.98 -7.82 -8.32
CA ASP A 119 7.50 -7.38 -9.63
C ASP A 119 7.28 -5.86 -9.78
N ILE A 120 6.13 -5.35 -9.34
CA ILE A 120 5.85 -3.88 -9.42
C ILE A 120 6.89 -3.14 -8.59
N CYS A 121 7.10 -3.57 -7.35
CA CYS A 121 8.04 -2.91 -6.43
C CYS A 121 9.46 -3.03 -7.01
N LYS A 122 9.81 -4.13 -7.67
CA LYS A 122 11.19 -4.27 -8.22
C LYS A 122 11.40 -3.19 -9.28
N THR A 123 10.44 -2.97 -10.17
CA THR A 123 10.60 -2.02 -11.29
C THR A 123 10.47 -0.59 -10.77
N PHE A 124 9.83 -0.40 -9.60
CA PHE A 124 9.73 0.94 -8.98
C PHE A 124 10.87 1.18 -8.00
N ASN A 125 11.76 0.21 -7.80
CA ASN A 125 12.91 0.28 -6.87
C ASN A 125 12.38 0.54 -5.45
N ILE A 126 11.37 -0.21 -5.04
CA ILE A 126 10.84 -0.20 -3.65
C ILE A 126 11.21 -1.50 -2.97
N ARG A 127 12.08 -1.46 -1.96
CA ARG A 127 12.46 -2.67 -1.19
C ARG A 127 11.29 -3.09 -0.30
N HIS A 128 11.32 -4.33 0.16
CA HIS A 128 10.39 -4.90 1.16
C HIS A 128 8.97 -4.83 0.60
N PRO A 129 8.73 -5.44 -0.58
CA PRO A 129 7.40 -5.43 -1.20
C PRO A 129 6.34 -6.11 -0.32
N GLU A 130 6.77 -6.98 0.60
CA GLU A 130 5.85 -7.71 1.51
C GLU A 130 5.08 -6.72 2.40
N GLU A 131 5.56 -5.49 2.53
CA GLU A 131 4.84 -4.47 3.34
C GLU A 131 3.72 -3.84 2.51
N LEU A 132 3.74 -3.95 1.19
CA LEU A 132 2.76 -3.30 0.30
C LEU A 132 1.75 -4.30 -0.24
N SER A 133 0.60 -3.81 -0.66
CA SER A 133 -0.34 -4.64 -1.43
C SER A 133 -1.29 -3.78 -2.23
N LEU A 134 -2.26 -4.44 -2.86
CA LEU A 134 -3.25 -3.80 -3.73
C LEU A 134 -4.60 -3.77 -3.02
N LEU A 135 -5.24 -2.64 -3.14
CA LEU A 135 -6.52 -2.33 -2.46
C LEU A 135 -7.50 -1.88 -3.53
N LYS A 136 -8.67 -2.47 -3.55
CA LYS A 136 -9.76 -2.05 -4.48
C LYS A 136 -10.23 -0.65 -4.11
N LYS A 137 -10.61 0.14 -5.10
CA LYS A 137 -11.14 1.52 -4.90
C LYS A 137 -12.56 1.43 -4.36
N PRO A 138 -12.95 2.28 -3.39
CA PRO A 138 -14.36 2.55 -3.10
C PRO A 138 -15.09 3.17 -4.31
N GLU A 156 -5.06 11.60 -16.28
CA GLU A 156 -3.64 11.94 -16.61
C GLU A 156 -2.70 10.98 -15.86
N ALA A 157 -2.30 9.89 -16.51
CA ALA A 157 -1.36 8.88 -15.95
C ALA A 157 0.06 9.47 -15.96
N LEU A 158 0.78 9.31 -14.84
CA LEU A 158 2.22 9.66 -14.70
C LEU A 158 3.04 8.80 -15.65
N GLU A 159 3.79 9.45 -16.55
CA GLU A 159 4.81 8.78 -17.39
C GLU A 159 6.12 8.80 -16.59
N LEU A 160 6.73 7.64 -16.37
CA LEU A 160 7.96 7.59 -15.54
C LEU A 160 9.09 8.32 -16.24
N GLU A 161 9.83 9.10 -15.46
CA GLU A 161 11.14 9.69 -15.78
C GLU A 161 12.11 9.11 -14.76
N PRO A 162 13.46 9.34 -14.95
CA PRO A 162 14.43 8.69 -14.09
C PRO A 162 14.28 9.17 -12.64
N GLY A 163 14.05 8.23 -11.74
CA GLY A 163 13.90 8.50 -10.30
C GLY A 163 12.71 9.36 -9.94
N ILE A 164 11.72 9.53 -10.82
CA ILE A 164 10.57 10.45 -10.58
C ILE A 164 9.75 9.95 -9.37
N LEU A 165 9.82 8.66 -9.04
CA LEU A 165 8.96 8.17 -7.93
C LEU A 165 9.57 8.56 -6.58
N ALA A 166 10.75 9.18 -6.55
CA ALA A 166 11.39 9.70 -5.33
C ALA A 166 11.00 11.16 -5.12
N VAL A 167 10.38 11.79 -6.10
CA VAL A 167 10.19 13.27 -6.08
C VAL A 167 8.80 13.63 -5.55
N SER A 168 8.75 14.32 -4.41
CA SER A 168 7.46 14.86 -3.91
CA SER A 168 7.49 14.90 -3.85
C SER A 168 7.13 16.17 -4.63
N GLN A 169 5.85 16.43 -4.89
CA GLN A 169 5.37 17.74 -5.43
C GLN A 169 4.52 18.43 -4.38
N PRO A 170 4.40 19.78 -4.36
CA PRO A 170 3.40 20.47 -3.54
C PRO A 170 2.02 20.08 -4.07
N ILE A 171 0.96 20.32 -3.32
CA ILE A 171 -0.42 20.15 -3.85
C ILE A 171 -0.74 21.41 -4.65
N THR A 172 -1.21 21.25 -5.89
CA THR A 172 -1.62 22.36 -6.78
C THR A 172 -2.50 23.35 -6.03
N SER A 173 -3.57 22.86 -5.39
CA SER A 173 -4.77 23.66 -5.02
C SER A 173 -5.37 23.20 -3.70
N PRO A 174 -5.83 24.15 -2.85
CA PRO A 174 -6.66 23.83 -1.69
C PRO A 174 -7.97 23.11 -2.08
N GLU A 175 -8.47 23.38 -3.29
CA GLU A 175 -9.73 22.83 -3.86
C GLU A 175 -9.60 21.30 -3.96
N ILE A 176 -8.51 20.83 -4.56
CA ILE A 176 -8.19 19.38 -4.70
C ILE A 176 -8.31 18.76 -3.30
N LEU A 177 -7.65 19.37 -2.32
CA LEU A 177 -7.66 18.86 -0.92
C LEU A 177 -9.08 18.95 -0.35
N ALA A 178 -9.69 20.15 -0.42
CA ALA A 178 -11.07 20.40 0.09
C ALA A 178 -12.02 19.40 -0.58
N LYS A 179 -11.88 19.19 -1.88
CA LYS A 179 -12.75 18.28 -2.66
C LYS A 179 -12.69 16.89 -2.01
N MET A 180 -11.54 16.23 -2.03
CA MET A 180 -11.43 14.81 -1.58
C MET A 180 -11.44 14.74 -0.05
N PHE A 181 -11.36 15.86 0.67
CA PHE A 181 -11.53 15.89 2.14
C PHE A 181 -13.01 15.66 2.45
N LYS A 182 -13.45 14.40 2.38
CA LYS A 182 -14.79 13.99 2.89
C LYS A 182 -14.54 13.18 4.15
N PRO A 183 -14.64 13.81 5.35
CA PRO A 183 -14.33 13.12 6.61
C PRO A 183 -15.29 11.95 6.81
N GLN A 184 -14.79 10.87 7.42
CA GLN A 184 -15.55 9.61 7.59
C GLN A 184 -15.53 9.19 9.06
N ALA A 185 -16.63 8.60 9.51
CA ALA A 185 -16.74 7.78 10.74
C ALA A 185 -15.90 6.51 10.56
N LEU A 186 -15.35 5.99 11.66
CA LEU A 186 -14.54 4.74 11.72
C LEU A 186 -15.24 3.58 11.01
N LEU A 187 -16.56 3.45 11.14
CA LEU A 187 -17.29 2.33 10.48
C LEU A 187 -17.12 2.45 8.96
N ASP A 188 -17.13 3.67 8.41
CA ASP A 188 -17.00 3.88 6.94
C ASP A 188 -15.52 3.68 6.56
N LYS A 189 -14.63 4.04 7.48
CA LYS A 189 -13.18 3.80 7.29
C LYS A 189 -12.93 2.27 7.30
N ALA A 190 -13.64 1.54 8.17
CA ALA A 190 -13.42 0.08 8.30
C ALA A 190 -13.87 -0.61 7.02
N LYS A 191 -14.89 -0.10 6.32
CA LYS A 191 -15.47 -0.75 5.11
C LYS A 191 -14.45 -0.75 3.96
N ILE A 192 -13.56 0.25 3.89
CA ILE A 192 -12.50 0.30 2.85
C ILE A 192 -11.69 -1.01 2.94
N ASN A 193 -11.47 -1.51 4.14
CA ASN A 193 -10.52 -2.66 4.35
C ASN A 193 -11.12 -3.95 3.82
N GLN A 194 -12.37 -3.98 3.40
CA GLN A 194 -12.92 -5.15 2.69
C GLN A 194 -12.21 -5.39 1.36
N GLY A 195 -11.53 -4.37 0.81
CA GLY A 195 -11.01 -4.37 -0.57
C GLY A 195 -9.57 -4.85 -0.72
N TRP A 196 -8.87 -5.22 0.34
CA TRP A 196 -7.48 -5.74 0.24
C TRP A 196 -7.48 -7.04 -0.57
N LEU A 197 -6.69 -7.13 -1.63
CA LEU A 197 -6.67 -8.36 -2.44
C LEU A 197 -6.06 -9.52 -1.66
N ASP A 198 -6.44 -10.74 -2.03
CA ASP A 198 -5.85 -11.99 -1.53
C ASP A 198 -4.47 -12.13 -2.18
N SER A 199 -3.40 -12.06 -1.39
CA SER A 199 -2.00 -12.19 -1.88
C SER A 199 -1.74 -13.56 -2.50
N SER A 200 -2.56 -14.58 -2.21
CA SER A 200 -2.29 -15.98 -2.67
C SER A 200 -3.11 -16.32 -3.91
N ARG A 201 -3.89 -15.40 -4.45
CA ARG A 201 -4.66 -15.63 -5.70
C ARG A 201 -4.31 -14.56 -6.72
N SER A 202 -4.60 -14.87 -8.00
CA SER A 202 -4.31 -13.95 -9.12
C SER A 202 -5.36 -12.85 -9.19
N LEU A 203 -5.05 -11.79 -9.92
CA LEU A 203 -6.02 -10.69 -10.15
C LEU A 203 -7.28 -11.24 -10.83
N MET A 204 -7.12 -12.18 -11.76
CA MET A 204 -8.27 -12.69 -12.55
C MET A 204 -9.28 -13.36 -11.61
N GLU A 205 -8.79 -13.98 -10.54
CA GLU A 205 -9.63 -14.74 -9.58
C GLU A 205 -10.41 -13.79 -8.66
N GLN A 206 -10.15 -12.49 -8.71
CA GLN A 206 -10.65 -11.54 -7.68
C GLN A 206 -11.49 -10.43 -8.31
N ASP A 207 -12.11 -10.70 -9.47
CA ASP A 207 -13.09 -9.78 -10.09
C ASP A 207 -12.39 -8.47 -10.47
N VAL A 208 -11.08 -8.52 -10.74
CA VAL A 208 -10.32 -7.34 -11.25
C VAL A 208 -10.37 -7.43 -12.77
N LYS A 209 -10.75 -6.36 -13.44
CA LYS A 209 -10.89 -6.30 -14.92
C LYS A 209 -9.74 -5.51 -15.52
N GLU A 210 -9.44 -5.74 -16.80
CA GLU A 210 -8.47 -4.92 -17.57
C GLU A 210 -8.85 -3.44 -17.42
N ASN A 211 -7.84 -2.59 -17.23
CA ASN A 211 -8.01 -1.11 -17.22
CA ASN A 211 -7.90 -1.10 -17.15
C ASN A 211 -8.64 -0.65 -15.89
N GLU A 212 -8.93 -1.56 -14.97
CA GLU A 212 -9.39 -1.21 -13.60
C GLU A 212 -8.26 -0.44 -12.88
N ALA A 213 -8.63 0.45 -11.98
CA ALA A 213 -7.70 1.18 -11.09
C ALA A 213 -7.65 0.44 -9.75
N LEU A 214 -6.45 0.07 -9.30
CA LEU A 214 -6.21 -0.49 -7.94
C LEU A 214 -5.28 0.48 -7.22
N LEU A 215 -5.38 0.56 -5.90
CA LEU A 215 -4.48 1.37 -5.07
C LEU A 215 -3.28 0.49 -4.71
N LEU A 216 -2.08 1.00 -4.91
CA LEU A 216 -0.86 0.38 -4.34
C LEU A 216 -0.58 1.13 -3.05
N ARG A 217 -0.59 0.43 -1.93
CA ARG A 217 -0.45 1.08 -0.61
C ARG A 217 0.51 0.26 0.24
N PHE A 218 1.13 0.93 1.19
CA PHE A 218 1.72 0.25 2.37
C PHE A 218 0.53 -0.28 3.18
N LYS A 219 0.47 -1.60 3.28
CA LYS A 219 -0.60 -2.36 3.93
C LYS A 219 -0.25 -2.64 5.38
N TYR A 220 0.96 -3.08 5.64
CA TYR A 220 1.42 -3.45 6.99
C TYR A 220 2.28 -2.33 7.54
N TYR A 221 2.02 -1.93 8.77
CA TYR A 221 2.66 -0.74 9.36
C TYR A 221 3.88 -1.09 10.20
N SER A 222 4.66 -2.04 9.71
CA SER A 222 5.92 -2.48 10.34
C SER A 222 7.00 -2.35 9.26
N PHE A 223 7.70 -1.22 9.23
CA PHE A 223 8.58 -0.86 8.09
C PHE A 223 10.00 -1.25 8.45
N PHE A 224 10.51 -2.27 7.78
CA PHE A 224 11.81 -2.88 8.11
C PHE A 224 12.94 -2.08 7.48
N ASP A 225 13.89 -1.62 8.29
CA ASP A 225 15.19 -1.12 7.78
C ASP A 225 14.95 -0.04 6.73
N LEU A 226 14.16 0.98 7.01
CA LEU A 226 14.11 2.18 6.12
C LEU A 226 15.50 2.80 6.10
N ASN A 227 16.13 2.81 4.93
CA ASN A 227 17.58 3.12 4.80
C ASN A 227 17.74 4.11 3.65
N PRO A 228 17.98 5.40 3.96
CA PRO A 228 18.10 6.44 2.94
C PRO A 228 19.08 6.10 1.81
N LYS A 229 20.10 5.29 2.07
CA LYS A 229 21.12 4.93 1.04
C LYS A 229 20.45 4.17 -0.10
N TYR A 230 19.43 3.36 0.18
CA TYR A 230 18.81 2.46 -0.83
C TYR A 230 17.36 2.86 -1.10
N ASP A 231 16.75 3.62 -0.21
CA ASP A 231 15.26 3.67 -0.13
C ASP A 231 14.72 5.06 -0.50
N ALA A 232 15.36 5.85 -1.35
CA ALA A 232 14.77 7.15 -1.73
C ALA A 232 13.32 6.99 -2.23
N ILE A 233 13.03 6.00 -3.08
CA ILE A 233 11.65 5.88 -3.64
C ILE A 233 10.72 5.37 -2.53
N ARG A 234 11.14 4.33 -1.81
CA ARG A 234 10.32 3.71 -0.76
C ARG A 234 9.98 4.80 0.27
N ILE A 235 10.97 5.56 0.71
CA ILE A 235 10.78 6.61 1.74
C ILE A 235 9.85 7.68 1.17
N ASN A 236 10.04 8.09 -0.08
CA ASN A 236 9.16 9.10 -0.68
C ASN A 236 7.70 8.64 -0.72
N GLN A 237 7.45 7.41 -1.15
CA GLN A 237 6.06 6.91 -1.29
C GLN A 237 5.45 6.73 0.10
N LEU A 238 6.23 6.30 1.08
CA LEU A 238 5.74 6.13 2.46
C LEU A 238 5.41 7.50 3.06
N TYR A 239 6.28 8.47 2.86
CA TYR A 239 6.03 9.87 3.28
C TYR A 239 4.72 10.36 2.65
N GLU A 240 4.53 10.11 1.36
CA GLU A 240 3.33 10.58 0.62
C GLU A 240 2.09 9.91 1.20
N GLN A 241 2.13 8.62 1.50
CA GLN A 241 0.96 7.95 2.11
C GLN A 241 0.65 8.63 3.46
N ALA A 242 1.66 8.87 4.30
CA ALA A 242 1.50 9.52 5.61
C ALA A 242 0.90 10.92 5.40
N LYS A 243 1.47 11.68 4.48
CA LYS A 243 1.07 13.10 4.25
C LYS A 243 -0.41 13.15 3.91
N TRP A 244 -0.86 12.35 2.95
CA TRP A 244 -2.29 12.37 2.55
C TRP A 244 -3.17 11.91 3.73
N ALA A 245 -2.74 10.93 4.50
CA ALA A 245 -3.53 10.44 5.66
C ALA A 245 -3.69 11.59 6.65
N ILE A 246 -2.63 12.38 6.86
CA ILE A 246 -2.67 13.51 7.83
C ILE A 246 -3.54 14.65 7.28
N LEU A 247 -3.32 15.04 6.02
CA LEU A 247 -4.04 16.20 5.44
C LEU A 247 -5.54 15.91 5.34
N LEU A 248 -5.90 14.65 5.12
CA LEU A 248 -7.33 14.28 4.92
C LEU A 248 -7.93 13.88 6.27
N GLU A 249 -7.16 13.96 7.35
CA GLU A 249 -7.56 13.59 8.74
C GLU A 249 -8.07 12.15 8.77
N GLU A 250 -7.47 11.27 7.98
CA GLU A 250 -7.72 9.81 8.08
C GLU A 250 -7.05 9.29 9.36
N ILE A 251 -6.02 9.97 9.84
CA ILE A 251 -5.40 9.72 11.16
C ILE A 251 -5.34 11.07 11.88
N GLU A 252 -5.65 11.06 13.17
CA GLU A 252 -5.75 12.27 13.99
C GLU A 252 -4.36 12.63 14.52
N CYS A 253 -4.08 13.92 14.64
CA CYS A 253 -2.88 14.44 15.34
C CYS A 253 -3.26 15.70 16.11
N THR A 254 -2.40 16.13 17.02
CA THR A 254 -2.62 17.38 17.78
C THR A 254 -2.37 18.59 16.89
N GLU A 255 -2.81 19.76 17.32
CA GLU A 255 -2.52 20.99 16.56
C GLU A 255 -1.01 21.18 16.47
N GLU A 256 -0.26 20.95 17.55
CA GLU A 256 1.21 21.15 17.54
C GLU A 256 1.80 20.20 16.50
N GLU A 257 1.35 18.95 16.47
CA GLU A 257 1.86 17.98 15.48
C GLU A 257 1.49 18.45 14.06
N MET A 258 0.31 18.99 13.86
CA MET A 258 -0.12 19.44 12.52
C MET A 258 0.81 20.58 12.08
N MET A 259 1.17 21.47 12.99
CA MET A 259 2.05 22.61 12.60
C MET A 259 3.43 22.09 12.21
N MET A 260 3.91 21.02 12.83
CA MET A 260 5.22 20.42 12.52
C MET A 260 5.11 19.66 11.19
N PHE A 261 4.02 18.94 10.95
CA PHE A 261 3.79 18.30 9.64
C PHE A 261 3.78 19.35 8.53
N ALA A 262 3.16 20.51 8.77
CA ALA A 262 3.13 21.63 7.81
C ALA A 262 4.56 22.14 7.55
N ALA A 263 5.35 22.38 8.60
CA ALA A 263 6.74 22.89 8.47
C ALA A 263 7.59 21.87 7.69
N LEU A 264 7.46 20.59 8.00
CA LEU A 264 8.22 19.54 7.28
C LEU A 264 7.81 19.50 5.80
N GLN A 265 6.52 19.52 5.50
CA GLN A 265 6.06 19.45 4.09
C GLN A 265 6.61 20.67 3.34
N TYR A 266 6.55 21.84 3.97
CA TYR A 266 7.06 23.09 3.34
C TYR A 266 8.54 22.89 2.93
N HIS A 267 9.34 22.43 3.87
CA HIS A 267 10.78 22.21 3.71
C HIS A 267 11.04 21.17 2.63
N ILE A 268 10.32 20.04 2.67
CA ILE A 268 10.45 18.98 1.65
C ILE A 268 10.10 19.55 0.27
N ASN A 269 9.01 20.29 0.17
CA ASN A 269 8.54 20.88 -1.11
C ASN A 269 9.64 21.79 -1.66
N LYS A 270 10.22 22.62 -0.81
CA LYS A 270 11.26 23.60 -1.24
C LYS A 270 12.50 22.87 -1.73
N LEU A 271 12.99 21.88 -0.98
CA LEU A 271 14.20 21.13 -1.36
C LEU A 271 13.93 20.28 -2.61
N SER A 272 12.68 19.95 -2.90
CA SER A 272 12.32 19.02 -4.02
C SER A 272 12.32 19.76 -5.36
N ILE A 273 12.41 21.08 -5.37
CA ILE A 273 12.71 21.83 -6.63
C ILE A 273 14.16 21.53 -7.10
N MET A 274 14.32 20.88 -8.26
CA MET A 274 15.64 20.60 -8.89
C MET A 274 15.56 20.86 -10.40
N THR A 275 15.65 22.14 -10.79
CA THR A 275 15.43 22.64 -12.18
C THR A 275 16.62 22.25 -13.08
N SER A 276 17.85 22.29 -12.54
CA SER A 276 19.12 22.27 -13.32
C SER A 276 19.69 20.85 -13.46
N GLU A 277 19.15 19.86 -12.73
CA GLU A 277 19.56 18.43 -12.83
C GLU A 277 18.31 17.54 -12.96
N ASN A 278 18.48 16.35 -13.55
CA ASN A 278 17.42 15.33 -13.74
C ASN A 278 17.90 13.95 -13.26
N HIS A 279 19.19 13.80 -12.92
CA HIS A 279 19.84 12.48 -12.67
C HIS A 279 20.11 12.26 -11.17
N LEU A 280 19.69 13.18 -10.28
CA LEU A 280 19.99 13.07 -8.83
C LEU A 280 18.69 12.96 -8.01
N ASN A 281 17.59 12.48 -8.61
CA ASN A 281 16.27 12.39 -7.92
C ASN A 281 16.34 11.43 -6.72
N ASN A 282 17.22 10.41 -6.78
CA ASN A 282 17.40 9.39 -5.72
C ASN A 282 18.36 9.88 -4.64
N SER A 283 18.99 11.04 -4.82
CA SER A 283 20.01 11.55 -3.86
C SER A 283 19.29 12.25 -2.71
N ASP A 284 19.98 12.42 -1.58
N ASP A 284 19.88 12.18 -1.53
CA ASP A 284 19.47 13.08 -0.33
CA ASP A 284 19.53 13.17 -0.49
C ASP A 284 19.93 14.55 -0.26
C ASP A 284 19.94 14.53 -1.07
N LYS A 285 19.23 15.46 -0.93
N LYS A 285 19.27 15.57 -0.64
CA LYS A 285 19.66 16.88 -1.10
CA LYS A 285 19.58 16.94 -1.07
C LYS A 285 19.85 17.58 0.25
C LYS A 285 19.75 17.77 0.19
N GLU A 286 20.94 18.35 0.36
CA GLU A 286 21.26 19.15 1.57
C GLU A 286 20.86 20.59 1.29
N VAL A 287 20.52 21.32 2.32
CA VAL A 287 20.11 22.74 2.18
C VAL A 287 21.29 23.52 1.57
N ASP A 288 22.50 23.21 1.99
CA ASP A 288 23.73 23.93 1.55
CA ASP A 288 23.71 23.97 1.54
C ASP A 288 23.98 23.72 0.05
N GLU A 289 23.28 22.76 -0.57
CA GLU A 289 23.43 22.39 -2.01
C GLU A 289 22.47 23.18 -2.90
N VAL A 290 21.48 23.85 -2.32
CA VAL A 290 20.46 24.65 -3.07
C VAL A 290 21.17 25.85 -3.68
N ASP A 291 20.79 26.25 -4.89
CA ASP A 291 21.51 27.29 -5.69
C ASP A 291 21.57 28.59 -4.88
N ALA A 292 20.47 28.91 -4.19
CA ALA A 292 20.27 30.13 -3.39
C ALA A 292 21.05 30.10 -2.07
N ALA A 293 21.57 28.95 -1.62
CA ALA A 293 22.18 28.80 -0.28
C ALA A 293 23.38 29.74 -0.15
N LEU A 294 23.47 30.39 1.00
CA LEU A 294 24.63 31.20 1.42
C LEU A 294 25.58 30.28 2.20
N SER A 295 26.86 30.28 1.84
CA SER A 295 27.93 29.57 2.56
C SER A 295 28.15 30.28 3.90
N ASP A 296 28.60 29.52 4.89
CA ASP A 296 28.88 30.05 6.23
CA ASP A 296 28.77 29.97 6.30
C ASP A 296 29.98 31.07 5.96
C ASP A 296 29.18 31.44 6.54
N LEU A 297 29.88 32.25 6.58
N LEU A 297 30.30 31.98 6.00
CA LEU A 297 30.88 33.35 6.52
CA LEU A 297 30.88 33.28 6.44
C LEU A 297 30.75 34.20 5.25
C LEU A 297 30.61 34.32 5.36
N GLU A 298 29.70 34.01 4.42
CA GLU A 298 29.49 34.77 3.16
CA GLU A 298 29.63 34.83 3.18
C GLU A 298 28.97 36.18 3.48
N ILE A 299 27.97 36.26 4.37
CA ILE A 299 27.36 37.58 4.75
C ILE A 299 28.20 38.28 5.83
N THR A 300 28.59 37.57 6.88
CA THR A 300 29.36 38.15 8.03
C THR A 300 30.29 37.05 8.55
N LEU A 301 31.43 37.42 9.11
N LEU A 301 31.38 37.45 9.20
CA LEU A 301 32.37 36.43 9.71
CA LEU A 301 32.37 36.50 9.75
C LEU A 301 31.74 35.84 10.98
C LEU A 301 31.92 36.05 11.15
N GLU A 302 30.48 36.21 11.29
N GLU A 302 31.43 36.99 11.97
CA GLU A 302 29.66 35.59 12.35
CA GLU A 302 31.01 36.63 13.35
C GLU A 302 28.78 34.50 11.75
C GLU A 302 29.71 37.35 13.74
N GLY A 303 29.31 33.27 11.62
N GLY A 303 28.99 36.76 14.70
CA GLY A 303 28.56 32.09 11.16
CA GLY A 303 27.74 37.33 15.27
C GLY A 303 27.34 31.81 12.03
C GLY A 303 26.67 37.63 14.24
N GLY A 304 26.20 31.50 11.39
N GLY A 304 26.45 36.75 13.27
CA GLY A 304 24.97 31.06 12.06
CA GLY A 304 25.40 36.98 12.26
C GLY A 304 24.10 32.23 12.51
C GLY A 304 24.08 36.31 12.59
N LYS A 305 24.54 33.48 12.31
N LYS A 305 24.14 35.03 12.95
CA LYS A 305 23.82 34.73 12.69
CA LYS A 305 22.92 34.24 13.32
C LYS A 305 22.50 34.87 11.92
C LYS A 305 21.85 34.32 12.22
N THR A 306 22.44 34.34 10.68
N THR A 306 22.24 34.18 10.95
CA THR A 306 21.24 34.30 9.80
CA THR A 306 21.25 34.24 9.83
C THR A 306 20.99 32.87 9.29
C THR A 306 21.00 32.82 9.29
N SER A 307 19.77 32.57 8.86
CA SER A 307 19.37 31.25 8.29
C SER A 307 20.05 31.06 6.92
N THR A 308 20.57 29.87 6.63
CA THR A 308 21.16 29.49 5.30
C THR A 308 20.22 29.90 4.18
N ILE A 309 18.93 29.59 4.33
N ILE A 309 18.92 29.70 4.40
CA ILE A 309 17.86 30.22 3.51
CA ILE A 309 17.81 30.19 3.53
C ILE A 309 17.38 31.43 4.30
C ILE A 309 17.20 31.43 4.19
N LEU A 310 17.64 32.63 3.76
CA LEU A 310 17.31 33.89 4.43
C LEU A 310 15.82 34.17 4.31
N THR A 311 15.17 33.72 3.24
CA THR A 311 13.76 34.10 2.97
C THR A 311 12.92 32.85 2.68
N THR A 312 11.78 32.73 3.36
CA THR A 312 10.79 31.67 3.10
C THR A 312 9.52 32.28 2.53
N ASP A 313 8.65 31.43 2.01
CA ASP A 313 7.36 31.86 1.42
C ASP A 313 6.26 30.95 1.95
N ILE A 314 6.30 30.67 3.26
CA ILE A 314 5.29 29.82 3.95
C ILE A 314 3.92 30.51 3.86
N THR A 315 2.94 29.76 3.41
CA THR A 315 1.50 30.09 3.47
C THR A 315 0.80 28.79 3.83
N PRO A 316 -0.24 28.79 4.68
CA PRO A 316 -0.78 27.52 5.15
C PRO A 316 -1.63 26.63 4.24
N GLU A 317 -2.23 27.18 3.18
N GLU A 317 -2.25 27.18 3.20
CA GLU A 317 -3.42 26.59 2.47
CA GLU A 317 -3.17 26.35 2.35
C GLU A 317 -3.21 25.10 2.08
C GLU A 317 -2.39 25.12 1.84
N CYS A 318 -2.00 24.68 1.71
N CYS A 318 -3.00 23.95 2.02
CA CYS A 318 -1.77 23.31 1.19
CA CYS A 318 -2.49 22.62 1.59
C CYS A 318 -0.91 22.48 2.15
C CYS A 318 -1.28 22.16 2.44
N LEU A 319 -0.76 22.95 3.39
CA LEU A 319 0.18 22.37 4.37
C LEU A 319 -0.57 21.81 5.58
N VAL A 320 -1.82 22.21 5.77
CA VAL A 320 -2.63 21.81 6.96
C VAL A 320 -3.95 21.27 6.45
N SER A 321 -4.64 20.49 7.28
CA SER A 321 -5.97 19.97 6.91
C SER A 321 -6.94 21.15 6.85
N PRO A 322 -8.02 21.01 6.06
CA PRO A 322 -8.95 22.12 5.84
C PRO A 322 -9.59 22.70 7.12
N ARG A 323 -9.67 21.93 8.20
CA ARG A 323 -10.34 22.42 9.43
C ARG A 323 -9.55 23.60 10.01
N TYR A 324 -8.23 23.66 9.80
CA TYR A 324 -7.38 24.73 10.38
C TYR A 324 -7.76 26.09 9.81
N LEU A 325 -8.06 26.20 8.52
CA LEU A 325 -8.34 27.50 7.88
C LEU A 325 -9.75 27.95 8.28
N LYS A 326 -10.58 27.03 8.74
CA LYS A 326 -11.94 27.35 9.25
C LYS A 326 -11.86 27.81 10.71
N LYS A 327 -10.86 27.36 11.46
CA LYS A 327 -10.74 27.69 12.90
C LYS A 327 -9.94 28.99 13.09
N TYR A 328 -8.95 29.24 12.24
CA TYR A 328 -7.91 30.25 12.48
C TYR A 328 -7.70 31.14 11.26
N LYS A 329 -7.34 32.38 11.54
CA LYS A 329 -6.83 33.32 10.53
C LYS A 329 -5.53 32.77 9.92
N ASN A 330 -5.39 32.99 8.63
CA ASN A 330 -4.18 32.63 7.86
C ASN A 330 -2.93 33.14 8.58
N LYS A 331 -2.90 34.41 8.99
CA LYS A 331 -1.73 34.99 9.71
C LYS A 331 -1.32 34.14 10.92
N GLN A 332 -2.30 33.72 11.74
CA GLN A 332 -1.99 33.00 13.01
C GLN A 332 -1.44 31.61 12.67
N ILE A 333 -2.02 30.94 11.67
CA ILE A 333 -1.48 29.60 11.28
C ILE A 333 -0.05 29.78 10.75
N THR A 334 0.18 30.81 9.94
CA THR A 334 1.52 31.06 9.33
C THR A 334 2.57 31.18 10.44
N ALA A 335 2.28 31.94 11.50
CA ALA A 335 3.21 32.14 12.63
C ALA A 335 3.54 30.81 13.29
N ARG A 336 2.57 29.92 13.48
CA ARG A 336 2.80 28.61 14.14
CA ARG A 336 2.85 28.63 14.16
C ARG A 336 3.66 27.72 13.23
N ILE A 337 3.41 27.77 11.92
CA ILE A 337 4.23 26.97 10.97
C ILE A 337 5.67 27.51 11.02
N LEU A 338 5.84 28.84 10.99
CA LEU A 338 7.18 29.45 11.04
C LEU A 338 7.90 29.02 12.32
N GLU A 339 7.19 28.99 13.45
CA GLU A 339 7.80 28.54 14.74
C GLU A 339 8.30 27.10 14.59
N ALA A 340 7.48 26.21 14.03
CA ALA A 340 7.85 24.79 13.87
C ALA A 340 9.02 24.68 12.88
N HIS A 341 9.06 25.52 11.86
CA HIS A 341 10.06 25.46 10.77
C HIS A 341 11.46 25.76 11.33
N GLN A 342 11.55 26.49 12.45
CA GLN A 342 12.85 26.78 13.12
C GLN A 342 13.64 25.48 13.32
N ASN A 343 12.94 24.39 13.61
CA ASN A 343 13.51 23.06 13.95
C ASN A 343 13.89 22.26 12.71
N VAL A 344 13.38 22.62 11.53
CA VAL A 344 13.40 21.81 10.28
CA VAL A 344 13.51 21.74 10.33
C VAL A 344 14.40 22.42 9.27
N ALA A 345 14.71 23.71 9.40
CA ALA A 345 15.32 24.49 8.31
C ALA A 345 16.69 23.94 7.88
N GLN A 346 17.38 23.16 8.70
CA GLN A 346 18.73 22.64 8.33
C GLN A 346 18.65 21.16 7.96
N MET A 347 17.46 20.56 8.00
CA MET A 347 17.33 19.12 7.65
C MET A 347 17.60 18.90 6.16
N SER A 348 18.23 17.78 5.83
CA SER A 348 18.29 17.29 4.44
C SER A 348 16.89 16.84 3.99
N LEU A 349 16.73 16.62 2.69
CA LEU A 349 15.43 16.24 2.08
C LEU A 349 14.95 14.93 2.69
N ILE A 350 15.81 13.91 2.69
CA ILE A 350 15.36 12.57 3.18
C ILE A 350 15.26 12.58 4.70
N GLU A 351 16.10 13.32 5.41
CA GLU A 351 15.97 13.50 6.88
C GLU A 351 14.57 14.04 7.20
N ALA A 352 14.12 15.08 6.49
CA ALA A 352 12.79 15.69 6.72
C ALA A 352 11.69 14.67 6.43
N LYS A 353 11.78 13.92 5.33
CA LYS A 353 10.76 12.88 5.03
C LYS A 353 10.74 11.85 6.17
N MET A 354 11.91 11.43 6.65
CA MET A 354 11.98 10.42 7.74
C MET A 354 11.44 11.00 9.04
N ARG A 355 11.67 12.29 9.33
CA ARG A 355 11.07 12.91 10.55
C ARG A 355 9.55 12.98 10.43
N PHE A 356 9.04 13.25 9.24
CA PHE A 356 7.58 13.27 8.99
C PHE A 356 7.04 11.86 9.29
N ILE A 357 7.67 10.86 8.69
CA ILE A 357 7.25 9.43 8.89
C ILE A 357 7.33 9.09 10.38
N GLN A 358 8.39 9.49 11.08
CA GLN A 358 8.57 9.17 12.51
C GLN A 358 7.50 9.85 13.36
N ALA A 359 7.14 11.09 13.09
CA ALA A 359 6.03 11.78 13.79
C ALA A 359 4.70 11.05 13.54
N TRP A 360 4.45 10.61 12.31
CA TRP A 360 3.24 9.83 11.95
C TRP A 360 3.24 8.49 12.72
N GLN A 361 4.38 7.80 12.76
CA GLN A 361 4.53 6.50 13.49
C GLN A 361 4.22 6.69 14.98
N SER A 362 4.42 7.89 15.54
CA SER A 362 4.20 8.14 16.99
C SER A 362 2.74 8.49 17.30
N LEU A 363 1.87 8.67 16.32
CA LEU A 363 0.48 9.09 16.56
C LEU A 363 -0.28 7.97 17.28
N PRO A 364 -1.20 8.32 18.20
CA PRO A 364 -1.92 7.31 18.99
C PRO A 364 -2.57 6.18 18.17
N GLU A 365 -3.16 6.49 17.02
CA GLU A 365 -3.90 5.45 16.26
C GLU A 365 -3.08 4.97 15.07
N PHE A 366 -1.79 5.27 15.05
CA PHE A 366 -0.88 4.77 13.98
C PHE A 366 -0.90 3.23 13.94
N GLY A 367 -1.01 2.71 12.72
CA GLY A 367 -0.65 1.32 12.42
C GLY A 367 -1.73 0.36 12.78
N ILE A 368 -2.95 0.86 12.96
CA ILE A 368 -4.14 0.01 13.20
C ILE A 368 -5.01 -0.05 11.95
N THR A 369 -5.38 -1.26 11.52
CA THR A 369 -6.31 -1.49 10.42
C THR A 369 -7.60 -2.04 11.03
N HIS A 370 -8.71 -1.38 10.73
CA HIS A 370 -10.02 -1.59 11.40
C HIS A 370 -10.94 -2.44 10.53
N PHE A 371 -11.65 -3.36 11.18
CA PHE A 371 -12.70 -4.18 10.55
C PHE A 371 -13.96 -4.16 11.42
N ILE A 372 -15.11 -4.12 10.79
CA ILE A 372 -16.40 -4.24 11.50
C ILE A 372 -16.49 -5.66 12.06
N ALA A 373 -16.80 -5.77 13.34
CA ALA A 373 -16.90 -7.05 14.05
C ALA A 373 -18.02 -7.01 15.08
N ARG A 374 -18.57 -8.18 15.37
CA ARG A 374 -19.58 -8.38 16.45
C ARG A 374 -19.01 -9.37 17.46
N PHE A 375 -19.23 -9.08 18.74
CA PHE A 375 -18.68 -9.82 19.89
C PHE A 375 -19.86 -10.30 20.73
N GLN A 376 -19.68 -11.41 21.44
CA GLN A 376 -20.74 -11.98 22.30
C GLN A 376 -21.17 -10.90 23.31
N GLY A 377 -22.46 -10.64 23.38
CA GLY A 377 -23.01 -9.69 24.36
C GLY A 377 -22.99 -8.27 23.84
N GLY A 378 -22.43 -8.04 22.65
CA GLY A 378 -22.48 -6.70 22.02
C GLY A 378 -23.80 -6.48 21.32
N LYS A 379 -24.41 -5.32 21.48
CA LYS A 379 -25.71 -5.00 20.82
CA LYS A 379 -25.71 -4.99 20.82
C LYS A 379 -25.45 -4.19 19.54
N LYS A 380 -24.22 -3.77 19.31
CA LYS A 380 -23.90 -2.87 18.16
C LYS A 380 -22.72 -3.43 17.35
N GLU A 381 -22.55 -2.90 16.15
CA GLU A 381 -21.28 -3.10 15.41
C GLU A 381 -20.15 -2.50 16.25
N GLU A 382 -19.07 -3.25 16.37
CA GLU A 382 -17.83 -2.78 17.02
C GLU A 382 -16.72 -2.92 15.98
N LEU A 383 -15.49 -2.68 16.39
CA LEU A 383 -14.31 -2.84 15.49
C LEU A 383 -13.35 -3.84 16.10
N ILE A 384 -12.72 -4.61 15.23
CA ILE A 384 -11.47 -5.30 15.59
C ILE A 384 -10.38 -4.51 14.86
N GLY A 385 -9.39 -4.09 15.63
CA GLY A 385 -8.22 -3.40 15.12
C GLY A 385 -7.09 -4.38 15.01
N ILE A 386 -6.37 -4.39 13.89
CA ILE A 386 -5.16 -5.23 13.76
C ILE A 386 -3.95 -4.32 13.64
N ALA A 387 -2.98 -4.54 14.50
CA ALA A 387 -1.67 -3.85 14.46
C ALA A 387 -0.57 -4.92 14.41
N TYR A 388 0.69 -4.50 14.30
CA TYR A 388 1.80 -5.41 14.00
C TYR A 388 2.02 -6.41 15.15
N ASN A 389 1.57 -6.08 16.35
CA ASN A 389 1.90 -6.84 17.57
C ASN A 389 0.65 -7.17 18.38
N ARG A 390 -0.55 -6.80 17.92
CA ARG A 390 -1.75 -6.95 18.79
C ARG A 390 -3.06 -6.88 18.00
N LEU A 391 -4.12 -7.41 18.62
CA LEU A 391 -5.52 -7.26 18.18
C LEU A 391 -6.21 -6.41 19.23
N ILE A 392 -7.15 -5.58 18.80
CA ILE A 392 -7.80 -4.57 19.67
C ILE A 392 -9.30 -4.59 19.43
N ARG A 393 -10.06 -4.76 20.50
CA ARG A 393 -11.52 -4.55 20.43
C ARG A 393 -11.73 -3.05 20.64
N MET A 394 -12.41 -2.39 19.71
CA MET A 394 -12.49 -0.92 19.70
C MET A 394 -13.94 -0.47 19.54
N ASP A 395 -14.24 0.67 20.16
CA ASP A 395 -15.56 1.32 20.07
C ASP A 395 -15.70 1.99 18.72
N ALA A 396 -16.84 1.80 18.05
CA ALA A 396 -17.06 2.22 16.65
C ALA A 396 -17.30 3.73 16.56
N SER A 397 -17.63 4.41 17.66
CA SER A 397 -18.01 5.84 17.63
C SER A 397 -16.99 6.73 18.38
N THR A 398 -16.11 6.17 19.21
CA THR A 398 -15.04 6.93 19.91
C THR A 398 -13.65 6.49 19.42
N GLY A 399 -13.51 5.28 18.90
CA GLY A 399 -12.23 4.67 18.49
C GLY A 399 -11.43 4.13 19.67
N ASP A 400 -11.97 4.22 20.90
CA ASP A 400 -11.24 3.78 22.12
C ASP A 400 -10.95 2.28 22.06
N ALA A 401 -9.78 1.89 22.56
CA ALA A 401 -9.34 0.49 22.77
C ALA A 401 -9.99 -0.08 24.04
N ILE A 402 -10.93 -1.00 23.89
CA ILE A 402 -11.67 -1.64 25.02
C ILE A 402 -10.82 -2.76 25.61
N LYS A 403 -10.14 -3.52 24.77
CA LYS A 403 -9.28 -4.64 25.21
C LYS A 403 -8.28 -4.93 24.11
N THR A 404 -7.12 -5.38 24.52
CA THR A 404 -5.97 -5.70 23.65
C THR A 404 -5.48 -7.12 23.94
N TRP A 405 -5.16 -7.87 22.90
CA TRP A 405 -4.50 -9.18 22.99
C TRP A 405 -3.20 -9.11 22.19
N ARG A 406 -2.11 -9.68 22.70
CA ARG A 406 -0.75 -9.52 22.11
C ARG A 406 -0.39 -10.73 21.26
N PHE A 407 0.15 -10.54 20.06
CA PHE A 407 0.57 -11.65 19.18
C PHE A 407 1.64 -12.52 19.87
N SER A 408 2.46 -11.92 20.75
CA SER A 408 3.52 -12.64 21.49
C SER A 408 2.88 -13.73 22.37
N ASN A 409 1.58 -13.62 22.67
CA ASN A 409 0.82 -14.61 23.47
C ASN A 409 0.00 -15.56 22.58
N MET A 410 0.01 -15.38 21.25
CA MET A 410 -0.91 -16.13 20.36
CA MET A 410 -0.91 -16.14 20.35
C MET A 410 -0.36 -17.54 20.09
N LYS A 411 -1.23 -18.55 20.17
CA LYS A 411 -0.90 -19.96 19.88
C LYS A 411 -1.37 -20.32 18.47
N GLN A 412 -2.59 -19.94 18.11
CA GLN A 412 -3.19 -20.35 16.82
C GLN A 412 -4.54 -19.64 16.68
N TRP A 413 -5.16 -19.78 15.52
CA TRP A 413 -6.52 -19.25 15.33
C TRP A 413 -7.32 -20.19 14.42
N ASN A 414 -8.63 -20.02 14.50
CA ASN A 414 -9.63 -20.85 13.81
C ASN A 414 -10.50 -19.89 13.01
N VAL A 415 -10.81 -20.26 11.78
CA VAL A 415 -11.94 -19.61 11.06
C VAL A 415 -13.05 -20.62 10.87
N ASN A 416 -14.20 -20.32 11.47
CA ASN A 416 -15.46 -21.07 11.26
C ASN A 416 -16.19 -20.38 10.11
N TRP A 417 -16.08 -20.93 8.92
CA TRP A 417 -16.64 -20.26 7.72
C TRP A 417 -18.16 -20.25 7.73
N GLU A 418 -18.83 -21.16 8.44
CA GLU A 418 -20.31 -21.30 8.42
CA GLU A 418 -20.30 -21.26 8.36
C GLU A 418 -20.93 -20.08 9.11
N ILE A 419 -20.33 -19.63 10.22
CA ILE A 419 -20.84 -18.47 11.00
C ILE A 419 -19.88 -17.28 10.91
N LYS A 420 -18.82 -17.38 10.09
CA LYS A 420 -17.87 -16.28 9.82
C LYS A 420 -17.29 -15.79 11.15
N MET A 421 -16.84 -16.72 11.97
CA MET A 421 -16.29 -16.42 13.32
CA MET A 421 -16.29 -16.39 13.30
C MET A 421 -14.80 -16.78 13.34
N VAL A 422 -13.98 -15.81 13.69
CA VAL A 422 -12.55 -16.00 13.98
C VAL A 422 -12.44 -16.24 15.48
N THR A 423 -11.75 -17.30 15.86
CA THR A 423 -11.39 -17.55 17.27
C THR A 423 -9.87 -17.60 17.35
N VAL A 424 -9.29 -16.70 18.14
CA VAL A 424 -7.84 -16.65 18.35
C VAL A 424 -7.56 -17.21 19.75
N GLU A 425 -6.64 -18.15 19.83
CA GLU A 425 -6.23 -18.77 21.12
CA GLU A 425 -6.22 -18.78 21.11
C GLU A 425 -4.92 -18.12 21.58
N PHE A 426 -4.90 -17.67 22.83
CA PHE A 426 -3.69 -17.07 23.46
C PHE A 426 -3.28 -17.97 24.64
N ALA A 427 -2.08 -17.71 25.20
CA ALA A 427 -1.56 -18.40 26.40
C ALA A 427 -2.58 -18.29 27.54
N ASP A 428 -2.55 -19.23 28.48
CA ASP A 428 -3.29 -19.15 29.77
C ASP A 428 -4.80 -19.18 29.51
N GLU A 429 -5.22 -19.98 28.54
CA GLU A 429 -6.64 -20.30 28.25
C GLU A 429 -7.40 -19.02 27.88
N VAL A 430 -6.72 -18.02 27.33
CA VAL A 430 -7.37 -16.77 26.84
C VAL A 430 -7.80 -17.03 25.39
N ARG A 431 -9.08 -16.77 25.09
CA ARG A 431 -9.66 -16.96 23.74
C ARG A 431 -10.43 -15.69 23.36
N LEU A 432 -10.25 -15.27 22.12
CA LEU A 432 -10.98 -14.13 21.53
C LEU A 432 -11.77 -14.65 20.35
N SER A 433 -13.07 -14.40 20.32
CA SER A 433 -13.94 -14.71 19.16
C SER A 433 -14.64 -13.44 18.69
N PHE A 434 -14.79 -13.32 17.38
CA PHE A 434 -15.56 -12.22 16.79
C PHE A 434 -16.10 -12.68 15.45
N ILE A 435 -17.18 -12.04 15.04
CA ILE A 435 -17.87 -12.36 13.76
C ILE A 435 -17.67 -11.19 12.81
N CYS A 436 -17.34 -11.50 11.56
N CYS A 436 -17.14 -11.48 11.61
CA CYS A 436 -17.17 -10.52 10.49
CA CYS A 436 -16.98 -10.54 10.45
C CYS A 436 -17.97 -10.95 9.26
C CYS A 436 -17.91 -10.94 9.28
N THR A 437 -18.01 -10.13 8.22
CA THR A 437 -18.52 -10.57 6.89
C THR A 437 -17.58 -11.67 6.41
N GLU A 438 -18.01 -12.49 5.46
CA GLU A 438 -17.11 -13.51 4.87
C GLU A 438 -15.88 -12.82 4.26
N VAL A 439 -16.06 -11.76 3.47
CA VAL A 439 -14.91 -11.03 2.85
C VAL A 439 -13.97 -10.55 3.96
N ASP A 440 -14.52 -9.97 5.04
CA ASP A 440 -13.66 -9.43 6.11
C ASP A 440 -12.86 -10.57 6.79
N CYS A 441 -13.47 -11.75 7.00
N CYS A 441 -13.44 -11.76 6.95
CA CYS A 441 -12.77 -12.95 7.57
CA CYS A 441 -12.72 -12.87 7.64
C CYS A 441 -11.52 -13.30 6.75
C CYS A 441 -11.55 -13.38 6.77
N LYS A 442 -11.65 -13.34 5.44
CA LYS A 442 -10.52 -13.69 4.54
C LYS A 442 -9.40 -12.64 4.69
N VAL A 443 -9.81 -11.37 4.72
CA VAL A 443 -8.83 -10.25 4.80
C VAL A 443 -8.17 -10.27 6.17
N VAL A 444 -8.95 -10.50 7.23
CA VAL A 444 -8.43 -10.52 8.61
C VAL A 444 -7.41 -11.67 8.73
N HIS A 445 -7.76 -12.86 8.24
CA HIS A 445 -6.88 -14.03 8.29
C HIS A 445 -5.52 -13.69 7.66
N GLU A 446 -5.52 -13.07 6.48
CA GLU A 446 -4.24 -12.72 5.78
C GLU A 446 -3.50 -11.66 6.59
N PHE A 447 -4.18 -10.69 7.19
CA PHE A 447 -3.48 -9.68 8.01
C PHE A 447 -2.78 -10.33 9.19
N ILE A 448 -3.45 -11.26 9.88
CA ILE A 448 -2.84 -11.95 11.07
C ILE A 448 -1.61 -12.73 10.60
N GLY A 449 -1.75 -13.59 9.60
CA GLY A 449 -0.62 -14.36 9.09
C GLY A 449 0.47 -13.46 8.54
N GLY A 450 0.09 -12.40 7.82
CA GLY A 450 1.03 -11.43 7.24
C GLY A 450 1.87 -10.78 8.32
N TYR A 451 1.25 -10.30 9.40
CA TYR A 451 2.02 -9.66 10.48
C TYR A 451 2.91 -10.70 11.19
N ILE A 452 2.45 -11.93 11.39
CA ILE A 452 3.35 -12.97 11.98
CA ILE A 452 3.34 -12.99 11.95
C ILE A 452 4.54 -13.16 11.03
N PHE A 453 4.30 -13.25 9.73
CA PHE A 453 5.39 -13.37 8.74
C PHE A 453 6.36 -12.18 8.91
N LEU A 454 5.85 -10.95 8.96
CA LEU A 454 6.76 -9.79 9.04
C LEU A 454 7.61 -9.83 10.32
N SER A 455 7.07 -10.36 11.42
CA SER A 455 7.80 -10.44 12.71
C SER A 455 9.02 -11.39 12.62
N THR A 456 9.09 -12.24 11.59
CA THR A 456 10.18 -13.23 11.41
C THR A 456 11.41 -12.61 10.73
N ARG A 457 11.30 -11.40 10.20
CA ARG A 457 12.35 -10.86 9.32
C ARG A 457 13.62 -10.59 10.12
N ALA A 458 13.52 -10.15 11.38
CA ALA A 458 14.68 -9.78 12.21
C ALA A 458 15.63 -10.97 12.37
N LYS A 459 15.13 -12.21 12.49
CA LYS A 459 16.01 -13.38 12.78
C LYS A 459 16.41 -14.09 11.49
N ASP A 460 15.86 -13.69 10.35
CA ASP A 460 16.01 -14.41 9.05
CA ASP A 460 16.02 -14.46 9.09
C ASP A 460 17.49 -14.48 8.66
N GLN A 461 17.99 -15.67 8.32
CA GLN A 461 19.40 -15.85 7.88
C GLN A 461 19.46 -16.09 6.36
N ASN A 462 18.33 -16.04 5.65
CA ASN A 462 18.32 -16.21 4.17
C ASN A 462 18.70 -14.90 3.47
N GLU A 463 19.33 -14.97 2.30
CA GLU A 463 19.72 -13.76 1.55
CA GLU A 463 19.73 -13.78 1.51
C GLU A 463 18.45 -13.06 1.04
N SER A 464 17.48 -13.83 0.54
CA SER A 464 16.27 -13.26 -0.07
C SER A 464 15.06 -13.53 0.83
N LEU A 465 13.97 -12.81 0.56
CA LEU A 465 12.69 -12.92 1.29
C LEU A 465 12.22 -14.38 1.27
N ASP A 466 11.75 -14.85 2.43
CA ASP A 466 11.28 -16.24 2.59
C ASP A 466 9.82 -16.30 2.16
N GLU A 467 9.56 -16.27 0.85
CA GLU A 467 8.19 -16.18 0.28
CA GLU A 467 8.19 -16.18 0.30
C GLU A 467 7.43 -17.48 0.62
N GLU A 468 8.14 -18.60 0.66
CA GLU A 468 7.51 -19.91 0.98
C GLU A 468 6.84 -19.80 2.35
N MET A 469 7.53 -19.20 3.34
CA MET A 469 6.97 -19.09 4.70
C MET A 469 5.78 -18.10 4.68
N PHE A 470 5.86 -17.01 3.91
CA PHE A 470 4.72 -16.07 3.81
C PHE A 470 3.46 -16.84 3.40
N TYR A 471 3.55 -17.64 2.34
CA TYR A 471 2.40 -18.34 1.75
C TYR A 471 1.89 -19.41 2.75
N LYS A 472 2.79 -20.05 3.50
CA LYS A 472 2.38 -21.04 4.54
C LYS A 472 1.59 -20.32 5.64
N LEU A 473 2.08 -19.18 6.11
CA LEU A 473 1.46 -18.47 7.26
C LEU A 473 0.13 -17.85 6.86
N THR A 474 -0.09 -17.54 5.59
CA THR A 474 -1.31 -16.81 5.14
C THR A 474 -2.27 -17.74 4.40
N SER A 475 -1.79 -18.75 3.68
CA SER A 475 -2.68 -19.57 2.80
C SER A 475 -2.37 -21.06 2.90
N GLY A 476 -1.27 -21.46 3.54
N GLY A 476 -1.38 -21.46 3.69
CA GLY A 476 -0.85 -22.86 3.66
CA GLY A 476 -0.96 -22.87 3.88
C GLY A 476 -1.97 -23.69 4.28
C GLY A 476 -2.15 -23.82 4.01
N TRP A 477 -2.59 -23.15 5.35
N TRP A 477 -2.87 -23.78 5.14
CA TRP A 477 -3.77 -23.75 6.02
CA TRP A 477 -3.99 -24.70 5.44
C TRP A 477 -5.03 -23.00 5.55
C TRP A 477 -5.32 -23.93 5.41
N VAL A 478 -5.95 -23.68 4.85
N VAL A 478 -5.59 -23.51 6.74
CA VAL A 478 -7.23 -23.07 4.39
CA VAL A 478 -6.90 -23.12 7.30
C VAL A 478 -6.89 -21.78 3.65
C VAL A 478 -7.73 -24.40 7.41
C1 CIT B . -13.42 -11.59 25.23
O1 CIT B . -12.86 -12.69 25.42
O2 CIT B . -13.23 -10.60 25.95
C2 CIT B . -14.36 -11.43 24.05
C3 CIT B . -15.08 -12.71 23.61
O7 CIT B . -14.13 -13.64 23.08
C4 CIT B . -16.08 -12.34 22.51
C5 CIT B . -16.86 -13.50 21.90
O3 CIT B . -16.75 -14.67 22.40
O4 CIT B . -17.61 -13.21 20.94
C6 CIT B . -15.85 -13.31 24.84
O5 CIT B . -15.50 -14.43 25.29
O6 CIT B . -16.79 -12.63 25.30
C1 CIT C . -6.89 33.34 3.52
O1 CIT C . -6.87 32.29 4.21
O2 CIT C . -6.30 33.45 2.44
C2 CIT C . -7.67 34.56 4.00
C3 CIT C . -8.55 34.43 5.26
O7 CIT C . -9.14 33.15 5.33
C4 CIT C . -9.69 35.47 5.21
C5 CIT C . -10.78 35.23 6.23
O3 CIT C . -11.77 34.56 5.88
O4 CIT C . -10.64 35.70 7.37
C6 CIT C . -7.70 34.68 6.53
O5 CIT C . -7.66 33.78 7.35
O6 CIT C . -7.10 35.77 6.64
C1 CIT D . 7.94 8.17 20.56
O1 CIT D . 6.83 7.64 20.31
O2 CIT D . 8.29 8.56 21.70
C2 CIT D . 8.93 8.35 19.42
C3 CIT D . 9.28 9.81 19.06
O7 CIT D . 8.29 10.67 19.60
C4 CIT D . 9.31 9.96 17.54
C5 CIT D . 9.68 11.34 17.01
O3 CIT D . 8.81 11.98 16.37
O4 CIT D . 10.83 11.77 17.24
C6 CIT D . 10.68 10.14 19.67
O5 CIT D . 11.67 9.68 19.09
O6 CIT D . 10.70 10.83 20.71
#